data_139D
#
_entry.id   139D
#
_cell.length_a   1.000
_cell.length_b   1.000
_cell.length_c   1.000
_cell.angle_alpha   90.00
_cell.angle_beta   90.00
_cell.angle_gamma   90.00
#
_symmetry.space_group_name_H-M   'P 1'
#
_entity_poly.entity_id   1
_entity_poly.type   'polydeoxyribonucleotide'
_entity_poly.pdbx_seq_one_letter_code
;(DT)(DT)(DG)(DG)(DG)(DG)(DT)
;
_entity_poly.pdbx_strand_id   A,B,C,D
#